data_7V7L
#
_entry.id   7V7L
#
_cell.length_a   65.843
_cell.length_b   86.291
_cell.length_c   143.701
_cell.angle_alpha   90.000
_cell.angle_beta   90.000
_cell.angle_gamma   90.000
#
_symmetry.space_group_name_H-M   'P 21 21 21'
#
loop_
_entity.id
_entity.type
_entity.pdbx_description
1 polymer 'Aryl hydrocarbon receptor nuclear translocator'
2 polymer 'Hypoxia-inducible factor 3-alpha'
3 water water
#
loop_
_entity_poly.entity_id
_entity_poly.type
_entity_poly.pdbx_seq_one_letter_code
_entity_poly.pdbx_strand_id
1 'polypeptide(L)'
;MSSADKERLARENHSEIERRRRNKMTAYITELSDMVPTCSALARKPDKLTILRMAVSHMKSLRGTGNTSTDGSYKPSFLT
DQELKHLILEAADGFLFIVSCETGRVVYVSDSVTPVLNQPQSEWFGSTLYDQVHPDDVDKLREQLSTSENAMGSRRSFIC
RMRCGTSSVDPVSMNRLSFLRNRCRNGLGSVKEGEPHFVVVHCTGYIKAWPPAGVSLPDDDPEAGQGSKFCLVAIGRLQV
TSSPNCTDMSNICQPTEFISRHNIEGIFTFVDHRCVATVGYQPQELLGKNIVEFCHPEDQQLLRDSFQQVVKLKGQVLSV
MFRFRSKTREWLWMRTSSFTFQNPYSDEIEYIICTNTNV
;
A
2 'polypeptide(L)'
;MDQDRSNTELRKEKSRDAARSRRSQETEVLYQLAHTLPFARGVSAHLDKASIMRLTISYLRMHRLCAAGEWNQVEKGGEP
LDACYLKALEGFVMVLTAEGDMAYLSENVSKHLGLSQLELIGHSIFDFIHPCDQEELQDALTPRPNLSKKKLEAPTERHF
SLRMKSTLTSRGRTLNLKAATWKVLHCSGHMRAYKPPAQTSPAGSPRSEPPLQCLVLICEAIPHPASLEPPLGRGAFLSR
HSLDMKFTYCDERIAEVAGYSPDDLIGCSAYEYIHALDSDAVSRSIHTLLSKGQAVTGQYRFLARTGGYLWTQTQATVVS
GGRGPQSESIICVHFLISRVEETGVVLSLEQTEQHTLEHHHHHH
;
B
#
# COMPACT_ATOMS: atom_id res chain seq x y z
N GLU A 18 -35.03 24.20 1.19
CA GLU A 18 -35.05 24.96 -0.09
C GLU A 18 -34.57 26.38 0.18
N ARG A 19 -34.49 26.76 1.46
CA ARG A 19 -33.85 28.07 1.78
C ARG A 19 -32.34 27.83 1.76
N ARG A 20 -31.95 26.60 2.11
CA ARG A 20 -30.58 26.07 2.04
C ARG A 20 -30.25 26.00 0.55
N ARG A 21 -31.15 25.45 -0.24
CA ARG A 21 -30.88 25.28 -1.70
C ARG A 21 -30.60 26.63 -2.35
N ARG A 22 -31.34 27.67 -1.99
CA ARG A 22 -31.11 29.01 -2.59
C ARG A 22 -29.84 29.62 -2.00
N ASN A 23 -29.51 29.24 -0.77
CA ASN A 23 -28.33 29.86 -0.13
C ASN A 23 -27.03 29.15 -0.56
N LYS A 24 -27.09 27.87 -0.94
CA LYS A 24 -25.86 27.19 -1.44
C LYS A 24 -25.54 27.77 -2.82
N MET A 25 -26.59 28.08 -3.59
CA MET A 25 -26.49 28.65 -4.95
C MET A 25 -25.91 30.06 -4.91
N THR A 26 -26.10 30.77 -3.81
CA THR A 26 -25.50 32.12 -3.60
C THR A 26 -24.01 31.88 -3.44
N ALA A 27 -23.67 31.03 -2.47
CA ALA A 27 -22.25 30.70 -2.19
C ALA A 27 -21.56 30.27 -3.48
N TYR A 28 -22.15 29.33 -4.19
CA TYR A 28 -21.59 28.81 -5.47
C TYR A 28 -21.32 29.98 -6.40
N ILE A 29 -22.32 30.84 -6.64
CA ILE A 29 -22.08 31.97 -7.52
C ILE A 29 -20.92 32.80 -6.99
N THR A 30 -20.75 32.88 -5.66
CA THR A 30 -19.60 33.62 -5.14
C THR A 30 -18.28 32.87 -5.35
N GLU A 31 -18.31 31.54 -5.26
CA GLU A 31 -17.11 30.75 -5.54
C GLU A 31 -16.69 30.92 -7.00
N LEU A 32 -17.66 30.82 -7.90
CA LEU A 32 -17.37 31.07 -9.31
C LEU A 32 -16.98 32.53 -9.56
N SER A 33 -17.50 33.45 -8.75
CA SER A 33 -17.01 34.83 -8.78
C SER A 33 -15.51 34.87 -8.56
N ASP A 34 -15.04 34.25 -7.48
CA ASP A 34 -13.60 34.28 -7.23
C ASP A 34 -12.81 33.42 -8.22
N MET A 35 -13.46 32.47 -8.91
CA MET A 35 -12.72 31.61 -9.82
C MET A 35 -12.47 32.26 -11.18
N VAL A 36 -13.46 32.95 -11.73
CA VAL A 36 -13.28 33.58 -13.05
C VAL A 36 -12.45 34.85 -12.89
N PRO A 37 -11.33 34.96 -13.63
CA PRO A 37 -10.46 36.15 -13.44
C PRO A 37 -11.15 37.45 -13.83
N THR A 38 -11.74 37.49 -15.02
CA THR A 38 -12.46 38.67 -15.50
C THR A 38 -13.64 39.01 -14.59
N PRO A 46 -20.14 42.13 -10.14
CA PRO A 46 -21.26 42.00 -11.07
C PRO A 46 -22.43 41.21 -10.47
N ASP A 47 -23.54 41.23 -11.19
CA ASP A 47 -24.71 40.48 -10.75
C ASP A 47 -24.57 39.00 -11.14
N LYS A 48 -25.35 38.16 -10.47
CA LYS A 48 -25.16 36.71 -10.56
C LYS A 48 -25.18 36.24 -12.01
N LEU A 49 -26.18 36.68 -12.77
CA LEU A 49 -26.28 36.24 -14.16
C LEU A 49 -25.18 36.84 -15.02
N THR A 50 -24.69 38.03 -14.67
CA THR A 50 -23.51 38.55 -15.34
C THR A 50 -22.29 37.68 -15.06
N ILE A 51 -22.16 37.24 -13.80
CA ILE A 51 -21.17 36.22 -13.44
C ILE A 51 -21.31 35.01 -14.36
N LEU A 52 -22.54 34.53 -14.54
CA LEU A 52 -22.76 33.33 -15.36
C LEU A 52 -22.38 33.58 -16.81
N ARG A 53 -22.67 34.76 -17.33
CA ARG A 53 -22.34 35.08 -18.72
C ARG A 53 -20.82 35.08 -18.94
N MET A 54 -20.10 35.82 -18.08
CA MET A 54 -18.65 35.87 -18.22
C MET A 54 -18.00 34.52 -17.91
N ALA A 55 -18.61 33.72 -17.03
CA ALA A 55 -18.09 32.39 -16.79
C ALA A 55 -18.35 31.45 -17.95
N VAL A 56 -19.48 31.63 -18.66
CA VAL A 56 -19.73 30.86 -19.86
C VAL A 56 -18.62 31.12 -20.88
N SER A 57 -18.36 32.40 -21.16
CA SER A 57 -17.31 32.74 -22.14
C SER A 57 -15.91 32.36 -21.63
N HIS A 58 -15.68 32.39 -20.31
CA HIS A 58 -14.41 31.94 -19.78
C HIS A 58 -14.23 30.45 -19.96
N MET A 59 -15.29 29.67 -19.70
CA MET A 59 -15.22 28.23 -19.92
C MET A 59 -14.97 27.93 -21.38
N LYS A 60 -15.60 28.68 -22.28
CA LYS A 60 -15.31 28.52 -23.70
C LYS A 60 -13.95 29.08 -24.09
N SER A 61 -13.29 29.83 -23.22
CA SER A 61 -11.90 30.21 -23.45
C SER A 61 -10.96 29.02 -23.27
N LEU A 62 -11.38 28.00 -22.54
CA LEU A 62 -10.57 26.79 -22.38
C LEU A 62 -11.28 25.58 -22.99
N PRO A 76 -13.79 14.10 -24.99
CA PRO A 76 -13.90 15.13 -23.94
C PRO A 76 -13.76 14.54 -22.55
N SER A 77 -12.80 15.04 -21.76
CA SER A 77 -12.56 14.55 -20.43
C SER A 77 -12.35 15.71 -19.47
N PHE A 78 -12.54 15.43 -18.18
CA PHE A 78 -12.35 16.46 -17.17
C PHE A 78 -10.93 17.01 -17.22
N LEU A 79 -9.95 16.13 -17.30
CA LEU A 79 -8.54 16.49 -17.41
C LEU A 79 -7.98 15.93 -18.70
N THR A 80 -6.87 16.51 -19.15
CA THR A 80 -6.15 15.97 -20.30
C THR A 80 -5.31 14.78 -19.87
N ASP A 81 -5.06 13.87 -20.82
CA ASP A 81 -4.24 12.70 -20.52
C ASP A 81 -2.87 13.09 -20.01
N GLN A 82 -2.30 14.17 -20.53
CA GLN A 82 -1.00 14.64 -20.05
C GLN A 82 -1.09 15.11 -18.61
N GLU A 83 -2.13 15.87 -18.28
CA GLU A 83 -2.35 16.32 -16.92
C GLU A 83 -2.48 15.14 -15.97
N LEU A 84 -3.27 14.14 -16.36
CA LEU A 84 -3.48 12.98 -15.50
C LEU A 84 -2.19 12.18 -15.35
N LYS A 85 -1.38 12.11 -16.42
CA LYS A 85 -0.08 11.45 -16.31
C LYS A 85 0.78 12.13 -15.26
N HIS A 86 0.85 13.46 -15.31
CA HIS A 86 1.66 14.19 -14.34
C HIS A 86 1.11 14.02 -12.92
N LEU A 87 -0.22 14.03 -12.78
CA LEU A 87 -0.82 13.78 -11.47
C LEU A 87 -0.41 12.43 -10.92
N ILE A 88 -0.52 11.38 -11.75
CA ILE A 88 -0.16 10.03 -11.33
C ILE A 88 1.31 9.96 -10.92
N LEU A 89 2.19 10.60 -11.70
CA LEU A 89 3.61 10.61 -11.34
C LEU A 89 3.88 11.45 -10.10
N GLU A 90 3.00 12.40 -9.78
CA GLU A 90 3.11 13.12 -8.52
C GLU A 90 2.65 12.25 -7.35
N ALA A 91 1.74 11.31 -7.61
CA ALA A 91 1.28 10.45 -6.52
C ALA A 91 2.23 9.29 -6.30
N ALA A 92 2.63 8.59 -7.36
CA ALA A 92 3.43 7.38 -7.26
C ALA A 92 4.88 7.66 -7.62
N ASP A 93 5.80 7.00 -6.93
CA ASP A 93 7.22 7.03 -7.28
C ASP A 93 7.47 5.88 -8.26
N GLY A 94 7.10 6.12 -9.52
CA GLY A 94 7.11 5.05 -10.48
C GLY A 94 7.46 5.51 -11.88
N PHE A 95 7.48 4.54 -12.79
CA PHE A 95 7.82 4.79 -14.18
C PHE A 95 7.05 3.82 -15.06
N LEU A 96 6.75 4.28 -16.27
CA LEU A 96 6.02 3.47 -17.24
C LEU A 96 7.01 2.73 -18.13
N PHE A 97 6.78 1.44 -18.32
CA PHE A 97 7.53 0.66 -19.30
C PHE A 97 6.57 -0.19 -20.13
N ILE A 98 7.05 -0.56 -21.32
CA ILE A 98 6.32 -1.41 -22.25
C ILE A 98 7.33 -2.42 -22.78
N VAL A 99 7.03 -3.71 -22.62
CA VAL A 99 7.94 -4.79 -22.96
C VAL A 99 7.20 -5.86 -23.75
N SER A 100 7.93 -6.52 -24.65
CA SER A 100 7.34 -7.62 -25.40
C SER A 100 7.09 -8.83 -24.51
N CYS A 101 5.93 -9.41 -24.70
CA CYS A 101 5.51 -10.55 -23.88
C CYS A 101 6.36 -11.76 -24.19
N GLU A 102 6.80 -11.91 -25.42
CA GLU A 102 7.52 -13.12 -25.88
C GLU A 102 8.97 -13.15 -25.40
N THR A 103 9.63 -12.02 -25.34
CA THR A 103 11.06 -12.04 -25.02
C THR A 103 11.43 -11.08 -23.87
N GLY A 104 10.50 -10.28 -23.42
CA GLY A 104 10.78 -9.25 -22.44
C GLY A 104 11.46 -8.03 -23.01
N ARG A 105 11.64 -7.95 -24.33
CA ARG A 105 12.39 -6.86 -24.93
C ARG A 105 11.73 -5.52 -24.61
N VAL A 106 12.53 -4.58 -24.09
CA VAL A 106 12.00 -3.26 -23.75
C VAL A 106 11.71 -2.50 -25.03
N VAL A 107 10.45 -2.17 -25.25
CA VAL A 107 10.09 -1.32 -26.39
C VAL A 107 9.88 0.13 -25.96
N TYR A 108 9.57 0.39 -24.68
CA TYR A 108 9.53 1.76 -24.21
C TYR A 108 9.80 1.82 -22.72
N VAL A 109 10.45 2.89 -22.30
CA VAL A 109 10.57 3.24 -20.88
C VAL A 109 10.50 4.76 -20.77
N SER A 110 9.83 5.25 -19.73
CA SER A 110 9.71 6.69 -19.54
C SER A 110 10.92 7.22 -18.80
N ASP A 111 11.20 8.51 -19.00
CA ASP A 111 12.39 9.11 -18.40
C ASP A 111 12.35 9.09 -16.87
N SER A 112 11.16 9.00 -16.27
CA SER A 112 11.08 8.91 -14.82
C SER A 112 11.72 7.65 -14.27
N VAL A 113 12.19 6.74 -15.13
CA VAL A 113 12.98 5.60 -14.67
C VAL A 113 14.32 6.06 -14.11
N THR A 114 14.81 7.23 -14.53
CA THR A 114 16.09 7.70 -14.00
C THR A 114 15.94 8.18 -12.55
N PRO A 115 15.02 9.08 -12.19
CA PRO A 115 14.88 9.43 -10.77
C PRO A 115 14.42 8.26 -9.91
N VAL A 116 13.68 7.31 -10.47
CA VAL A 116 13.13 6.22 -9.65
C VAL A 116 14.21 5.19 -9.33
N LEU A 117 14.87 4.66 -10.36
CA LEU A 117 15.82 3.56 -10.20
C LEU A 117 17.28 4.02 -10.27
N ASN A 118 17.53 5.33 -10.36
CA ASN A 118 18.90 5.83 -10.52
C ASN A 118 19.57 5.14 -11.71
N GLN A 119 18.84 5.03 -12.80
CA GLN A 119 19.26 4.27 -13.95
C GLN A 119 19.07 5.13 -15.19
N PRO A 120 20.07 5.27 -16.05
CA PRO A 120 19.87 5.99 -17.31
C PRO A 120 18.97 5.18 -18.23
N GLN A 121 18.23 5.90 -19.08
CA GLN A 121 17.49 5.24 -20.15
C GLN A 121 18.42 4.43 -21.05
N SER A 122 19.71 4.79 -21.08
CA SER A 122 20.70 4.00 -21.80
C SER A 122 20.64 2.53 -21.40
N GLU A 123 20.39 2.27 -20.11
CA GLU A 123 20.42 0.90 -19.59
C GLU A 123 19.19 0.09 -19.93
N TRP A 124 18.06 0.75 -20.20
CA TRP A 124 16.82 0.03 -20.47
C TRP A 124 16.59 -0.16 -21.97
N PHE A 125 16.67 0.91 -22.75
CA PHE A 125 16.48 0.78 -24.19
C PHE A 125 17.57 -0.11 -24.79
N GLY A 126 17.14 -1.08 -25.59
CA GLY A 126 18.04 -2.06 -26.16
C GLY A 126 18.19 -3.33 -25.35
N SER A 127 17.63 -3.38 -24.14
CA SER A 127 17.70 -4.56 -23.30
C SER A 127 16.32 -5.19 -23.17
N THR A 128 16.25 -6.29 -22.43
CA THR A 128 15.00 -6.92 -22.06
C THR A 128 14.74 -6.70 -20.58
N LEU A 129 13.48 -6.89 -20.17
CA LEU A 129 13.15 -6.72 -18.77
C LEU A 129 13.90 -7.71 -17.89
N TYR A 130 14.21 -8.89 -18.43
CA TYR A 130 14.97 -9.87 -17.66
C TYR A 130 16.39 -9.39 -17.37
N ASP A 131 16.93 -8.51 -18.22
CA ASP A 131 18.22 -7.90 -17.93
C ASP A 131 18.16 -7.03 -16.68
N GLN A 132 16.99 -6.52 -16.32
CA GLN A 132 16.85 -5.59 -15.21
C GLN A 132 16.48 -6.25 -13.89
N VAL A 133 15.86 -7.42 -13.93
CA VAL A 133 15.26 -7.99 -12.72
C VAL A 133 16.24 -8.93 -12.05
N HIS A 134 15.95 -9.23 -10.78
CA HIS A 134 16.71 -10.23 -10.06
C HIS A 134 16.58 -11.58 -10.76
N PRO A 135 17.66 -12.35 -10.89
CA PRO A 135 17.57 -13.66 -11.55
C PRO A 135 16.49 -14.55 -10.97
N ASP A 136 16.35 -14.56 -9.64
CA ASP A 136 15.33 -15.39 -9.00
C ASP A 136 13.92 -15.04 -9.42
N ASP A 137 13.71 -13.86 -10.01
CA ASP A 137 12.39 -13.40 -10.44
C ASP A 137 12.08 -13.74 -11.90
N VAL A 138 13.07 -14.22 -12.65
CA VAL A 138 12.89 -14.43 -14.09
C VAL A 138 11.66 -15.28 -14.36
N ASP A 139 11.59 -16.47 -13.72
CA ASP A 139 10.48 -17.38 -13.95
C ASP A 139 9.13 -16.68 -13.76
N LYS A 140 8.99 -15.99 -12.62
CA LYS A 140 7.73 -15.32 -12.31
C LYS A 140 7.40 -14.31 -13.39
N LEU A 141 8.41 -13.52 -13.75
CA LEU A 141 8.24 -12.54 -14.82
C LEU A 141 7.74 -13.20 -16.08
N ARG A 142 8.37 -14.32 -16.46
CA ARG A 142 8.00 -14.98 -17.71
C ARG A 142 6.55 -15.43 -17.65
N GLU A 143 6.11 -15.89 -16.48
CA GLU A 143 4.73 -16.35 -16.29
C GLU A 143 3.79 -15.15 -16.36
N GLN A 144 4.19 -14.01 -15.83
CA GLN A 144 3.36 -12.82 -15.93
C GLN A 144 3.26 -12.35 -17.37
N LEU A 145 4.31 -12.57 -18.15
CA LEU A 145 4.35 -12.17 -19.54
C LEU A 145 3.70 -13.18 -20.47
N SER A 146 3.23 -14.31 -19.94
CA SER A 146 2.55 -15.29 -20.77
C SER A 146 1.11 -14.85 -21.05
N THR A 147 0.69 -15.00 -22.30
CA THR A 147 -0.67 -14.67 -22.73
C THR A 147 -1.45 -15.91 -23.19
N SER A 148 -1.16 -17.06 -22.60
CA SER A 148 -1.78 -18.31 -23.03
C SER A 148 -3.25 -18.37 -22.64
N GLU A 149 -3.55 -18.03 -21.40
CA GLU A 149 -4.93 -18.13 -20.87
C GLU A 149 -5.52 -16.73 -20.70
N ASN A 150 -4.67 -15.71 -20.69
CA ASN A 150 -5.10 -14.30 -20.49
C ASN A 150 -4.36 -13.41 -21.50
N ALA A 151 -5.08 -12.77 -22.44
CA ALA A 151 -4.44 -11.98 -23.52
C ALA A 151 -5.24 -10.67 -23.63
N MET A 152 -5.29 -10.06 -24.81
CA MET A 152 -5.65 -8.62 -25.06
C MET A 152 -6.62 -8.05 -24.02
N GLY A 153 -6.20 -6.96 -23.39
CA GLY A 153 -6.98 -6.28 -22.34
C GLY A 153 -6.80 -6.88 -20.95
N SER A 154 -6.25 -8.10 -20.81
CA SER A 154 -6.14 -8.73 -19.48
C SER A 154 -5.14 -7.98 -18.58
N ARG A 155 -5.35 -8.06 -17.29
CA ARG A 155 -4.55 -7.30 -16.34
C ARG A 155 -3.41 -8.13 -15.77
N ARG A 156 -2.38 -7.42 -15.31
CA ARG A 156 -1.24 -8.04 -14.64
C ARG A 156 -0.89 -7.21 -13.41
N SER A 157 -0.52 -7.90 -12.34
CA SER A 157 -0.10 -7.26 -11.10
C SER A 157 0.90 -8.19 -10.43
N PHE A 158 2.12 -7.71 -10.22
CA PHE A 158 3.16 -8.56 -9.65
C PHE A 158 4.22 -7.70 -8.97
N ILE A 159 5.12 -8.39 -8.26
CA ILE A 159 6.22 -7.75 -7.58
C ILE A 159 7.51 -8.39 -8.07
N CYS A 160 8.50 -7.56 -8.39
CA CYS A 160 9.81 -8.08 -8.76
C CYS A 160 10.87 -7.17 -8.13
N ARG A 161 12.13 -7.50 -8.36
CA ARG A 161 13.25 -6.69 -7.89
C ARG A 161 14.06 -6.29 -9.11
N MET A 162 14.35 -5.00 -9.22
CA MET A 162 15.01 -4.47 -10.41
C MET A 162 16.32 -3.80 -10.04
N ARG A 163 17.25 -3.80 -11.00
CA ARG A 163 18.57 -3.21 -10.80
CA ARG A 163 18.57 -3.22 -10.79
C ARG A 163 18.48 -1.70 -10.69
N CYS A 164 19.18 -1.14 -9.71
CA CYS A 164 19.34 0.30 -9.57
C CYS A 164 20.77 0.68 -9.91
N GLY A 165 21.02 1.99 -9.96
CA GLY A 165 22.37 2.47 -10.17
C GLY A 165 23.32 1.94 -9.11
N THR A 166 24.42 1.33 -9.53
CA THR A 166 25.37 0.71 -8.62
C THR A 166 26.77 1.24 -8.88
N SER A 167 27.45 1.66 -7.81
CA SER A 167 28.80 2.18 -7.94
C SER A 167 29.79 1.08 -8.30
N SER A 168 29.87 0.04 -7.47
CA SER A 168 30.82 -1.04 -7.70
C SER A 168 30.13 -2.39 -7.65
N GLU A 195 28.85 -5.39 -8.39
CA GLU A 195 27.75 -6.23 -7.94
C GLU A 195 26.47 -5.43 -7.83
N PRO A 196 25.46 -5.79 -8.63
CA PRO A 196 24.27 -4.95 -8.75
C PRO A 196 23.45 -4.98 -7.47
N HIS A 197 22.74 -3.90 -7.25
CA HIS A 197 21.87 -3.75 -6.09
C HIS A 197 20.43 -3.67 -6.57
N PHE A 198 19.55 -4.42 -5.91
CA PHE A 198 18.17 -4.58 -6.36
C PHE A 198 17.21 -3.83 -5.44
N VAL A 199 16.11 -3.37 -6.03
CA VAL A 199 15.06 -2.70 -5.27
C VAL A 199 13.72 -3.33 -5.64
N VAL A 200 12.84 -3.40 -4.65
CA VAL A 200 11.53 -4.02 -4.83
C VAL A 200 10.62 -3.06 -5.59
N VAL A 201 10.05 -3.54 -6.69
CA VAL A 201 9.16 -2.76 -7.52
C VAL A 201 7.84 -3.49 -7.65
N HIS A 202 6.75 -2.77 -7.39
CA HIS A 202 5.39 -3.28 -7.61
C HIS A 202 4.92 -2.81 -8.98
N CYS A 203 4.58 -3.76 -9.85
CA CYS A 203 4.21 -3.49 -11.23
C CYS A 203 2.75 -3.82 -11.45
N THR A 204 2.02 -2.90 -12.08
CA THR A 204 0.66 -3.16 -12.53
C THR A 204 0.55 -2.71 -13.98
N GLY A 205 -0.17 -3.49 -14.78
CA GLY A 205 -0.28 -3.14 -16.19
C GLY A 205 -1.31 -4.00 -16.90
N TYR A 206 -1.30 -3.89 -18.23
CA TYR A 206 -2.27 -4.59 -19.06
C TYR A 206 -1.60 -5.07 -20.34
N ILE A 207 -2.22 -6.08 -20.95
CA ILE A 207 -1.71 -6.67 -22.18
C ILE A 207 -2.35 -5.95 -23.37
N LYS A 208 -1.52 -5.60 -24.34
CA LYS A 208 -1.93 -4.80 -25.49
C LYS A 208 -1.21 -5.31 -26.72
N ALA A 209 -1.94 -5.56 -27.80
CA ALA A 209 -1.31 -5.90 -29.07
C ALA A 209 -0.57 -4.67 -29.58
N TRP A 210 0.73 -4.82 -29.85
CA TRP A 210 1.58 -3.69 -30.15
C TRP A 210 1.69 -3.54 -31.66
N PRO A 211 1.15 -2.48 -32.26
CA PRO A 211 1.31 -2.18 -33.68
C PRO A 211 2.51 -1.28 -33.93
N GLN A 226 7.24 -9.27 -37.66
CA GLN A 226 6.07 -10.13 -37.79
C GLN A 226 4.79 -9.29 -37.74
N GLY A 227 3.71 -9.89 -37.23
CA GLY A 227 2.47 -9.18 -37.01
C GLY A 227 2.53 -8.34 -35.75
N SER A 228 1.34 -8.03 -35.22
CA SER A 228 1.23 -7.30 -33.97
C SER A 228 1.43 -8.27 -32.81
N LYS A 229 2.57 -8.18 -32.15
CA LYS A 229 2.88 -9.04 -31.01
C LYS A 229 2.30 -8.46 -29.74
N PHE A 230 1.97 -9.33 -28.78
CA PHE A 230 1.46 -8.85 -27.50
C PHE A 230 2.57 -8.21 -26.67
N CYS A 231 2.19 -7.19 -25.90
CA CYS A 231 3.13 -6.43 -25.07
C CYS A 231 2.47 -6.14 -23.72
N LEU A 232 3.30 -6.07 -22.68
CA LEU A 232 2.86 -5.61 -21.38
C LEU A 232 3.14 -4.12 -21.28
N VAL A 233 2.11 -3.34 -20.98
CA VAL A 233 2.20 -1.91 -20.70
C VAL A 233 1.97 -1.77 -19.21
N ALA A 234 2.98 -1.32 -18.47
CA ALA A 234 2.93 -1.38 -17.01
C ALA A 234 3.57 -0.15 -16.41
N ILE A 235 3.16 0.12 -15.17
CA ILE A 235 3.82 1.08 -14.30
C ILE A 235 4.46 0.31 -13.16
N GLY A 236 5.73 0.61 -12.89
CA GLY A 236 6.46 0.06 -11.76
C GLY A 236 6.71 1.16 -10.73
N ARG A 237 6.40 0.85 -9.48
CA ARG A 237 6.46 1.81 -8.39
C ARG A 237 7.30 1.28 -7.25
N LEU A 238 8.04 2.18 -6.61
CA LEU A 238 8.65 1.91 -5.33
C LEU A 238 7.77 2.46 -4.22
N GLN A 239 7.99 1.97 -3.00
CA GLN A 239 7.41 2.57 -1.79
C GLN A 239 5.88 2.58 -1.86
N VAL A 240 5.29 1.43 -2.14
CA VAL A 240 3.83 1.33 -2.09
C VAL A 240 3.35 1.16 -0.66
N THR A 241 4.20 0.64 0.20
CA THR A 241 3.80 0.63 1.62
C THR A 241 4.96 1.18 2.41
N SER A 242 4.84 1.06 3.72
CA SER A 242 5.96 1.45 4.58
C SER A 242 7.08 0.45 4.37
N SER A 243 8.30 0.92 4.38
CA SER A 243 9.45 0.00 4.25
C SER A 243 9.52 -0.86 5.49
N PRO A 244 10.06 -2.09 5.39
CA PRO A 244 10.21 -2.98 6.53
C PRO A 244 11.44 -2.70 7.40
N THR A 247 16.54 -2.07 12.77
CA THR A 247 17.74 -2.95 12.88
C THR A 247 18.76 -2.22 13.75
N ASP A 248 20.04 -2.57 13.61
CA ASP A 248 21.10 -1.91 14.41
C ASP A 248 21.41 -0.60 13.68
N MET A 249 21.46 0.52 14.38
CA MET A 249 21.72 1.78 13.62
C MET A 249 22.75 2.68 14.33
N SER A 250 23.27 2.31 15.49
CA SER A 250 24.24 3.25 16.14
C SER A 250 25.71 2.97 15.78
N ASN A 251 26.05 1.74 15.40
CA ASN A 251 27.43 1.36 15.00
C ASN A 251 27.36 0.62 13.67
N ILE A 252 27.75 1.32 12.61
CA ILE A 252 27.76 0.91 11.20
C ILE A 252 28.68 -0.27 10.98
N CYS A 253 29.55 -0.61 11.90
CA CYS A 253 30.47 -1.74 11.71
C CYS A 253 30.01 -2.97 12.49
N GLN A 254 30.14 -2.97 13.83
CA GLN A 254 29.81 -4.18 14.56
C GLN A 254 28.48 -4.05 15.29
N PRO A 255 27.65 -5.10 15.28
CA PRO A 255 26.32 -5.01 15.93
C PRO A 255 26.43 -4.70 17.42
N THR A 256 25.46 -3.92 17.89
CA THR A 256 25.41 -3.52 19.29
C THR A 256 24.39 -4.29 20.10
N GLU A 257 23.39 -4.89 19.46
CA GLU A 257 22.30 -5.53 20.18
C GLU A 257 21.72 -6.64 19.33
N PHE A 258 20.84 -7.42 19.94
CA PHE A 258 20.10 -8.43 19.20
C PHE A 258 18.71 -8.55 19.81
N ILE A 259 17.76 -8.93 18.98
CA ILE A 259 16.38 -9.09 19.39
C ILE A 259 16.11 -10.56 19.65
N SER A 260 15.35 -10.85 20.71
CA SER A 260 14.94 -12.20 21.03
C SER A 260 13.44 -12.22 21.31
N ARG A 261 12.88 -13.42 21.31
CA ARG A 261 11.52 -13.66 21.76
C ARG A 261 11.54 -14.78 22.79
N HIS A 262 10.61 -14.72 23.72
CA HIS A 262 10.56 -15.67 24.82
C HIS A 262 9.12 -16.06 25.11
N ASN A 263 8.91 -17.30 25.52
CA ASN A 263 7.61 -17.60 26.11
C ASN A 263 7.52 -16.93 27.48
N ILE A 264 6.33 -16.98 28.07
CA ILE A 264 6.12 -16.33 29.36
C ILE A 264 6.99 -16.98 30.43
N GLU A 265 7.42 -18.23 30.20
CA GLU A 265 8.35 -18.88 31.12
C GLU A 265 9.77 -18.34 31.01
N GLY A 266 10.08 -17.59 29.94
CA GLY A 266 11.39 -17.01 29.77
C GLY A 266 12.32 -17.74 28.83
N ILE A 267 11.85 -18.80 28.18
CA ILE A 267 12.69 -19.59 27.29
C ILE A 267 12.88 -18.85 25.97
N PHE A 268 14.13 -18.80 25.49
CA PHE A 268 14.44 -18.29 24.17
C PHE A 268 13.72 -19.10 23.08
N THR A 269 12.75 -18.48 22.40
CA THR A 269 12.10 -19.12 21.26
C THR A 269 12.42 -18.45 19.94
N PHE A 270 13.11 -17.31 19.96
CA PHE A 270 13.60 -16.66 18.75
C PHE A 270 14.77 -15.78 19.14
N VAL A 271 15.85 -15.81 18.36
CA VAL A 271 16.97 -14.89 18.47
C VAL A 271 17.53 -14.63 17.08
N ASP A 272 17.89 -13.39 16.81
CA ASP A 272 18.48 -13.07 15.51
C ASP A 272 20.00 -13.19 15.59
N HIS A 273 20.61 -13.42 14.43
CA HIS A 273 22.00 -13.88 14.37
C HIS A 273 22.99 -12.90 14.99
N ARG A 274 22.59 -11.64 15.21
CA ARG A 274 23.49 -10.70 15.86
C ARG A 274 23.94 -11.19 17.22
N CYS A 275 23.21 -12.13 17.82
CA CYS A 275 23.69 -12.71 19.08
C CYS A 275 25.14 -13.13 18.94
N VAL A 276 25.51 -13.72 17.79
CA VAL A 276 26.86 -14.26 17.62
C VAL A 276 27.91 -13.17 17.87
N ALA A 277 27.65 -11.95 17.40
CA ALA A 277 28.62 -10.86 17.57
C ALA A 277 28.53 -10.22 18.95
N THR A 278 27.38 -10.30 19.63
CA THR A 278 27.20 -9.52 20.84
C THR A 278 27.55 -10.29 22.10
N VAL A 279 27.14 -11.55 22.21
CA VAL A 279 27.42 -12.36 23.40
C VAL A 279 28.28 -13.58 23.09
N GLY A 280 28.55 -13.88 21.82
CA GLY A 280 29.44 -14.96 21.46
C GLY A 280 28.77 -16.30 21.25
N TYR A 281 27.45 -16.39 21.39
CA TYR A 281 26.74 -17.65 21.23
C TYR A 281 26.09 -17.72 19.86
N GLN A 282 26.10 -18.91 19.27
CA GLN A 282 25.26 -19.16 18.11
C GLN A 282 23.80 -19.14 18.55
N PRO A 283 22.88 -18.80 17.64
CA PRO A 283 21.45 -18.77 18.03
C PRO A 283 20.98 -20.06 18.68
N GLN A 284 21.38 -21.22 18.16
CA GLN A 284 20.95 -22.49 18.72
C GLN A 284 21.51 -22.74 20.11
N GLU A 285 22.55 -22.01 20.51
CA GLU A 285 23.05 -22.11 21.87
C GLU A 285 22.19 -21.37 22.88
N LEU A 286 21.29 -20.50 22.42
CA LEU A 286 20.37 -19.80 23.31
C LEU A 286 18.95 -20.38 23.25
N LEU A 287 18.49 -20.74 22.06
CA LEU A 287 17.13 -21.26 21.90
C LEU A 287 16.94 -22.52 22.73
N GLY A 288 15.79 -22.61 23.39
CA GLY A 288 15.49 -23.71 24.28
C GLY A 288 15.98 -23.52 25.70
N LYS A 289 16.82 -22.52 25.94
CA LYS A 289 17.31 -22.22 27.28
C LYS A 289 16.67 -20.95 27.80
N ASN A 290 16.67 -20.81 29.13
CA ASN A 290 16.08 -19.65 29.77
C ASN A 290 17.07 -18.51 29.85
N ILE A 291 16.55 -17.28 29.76
CA ILE A 291 17.41 -16.11 29.85
C ILE A 291 18.07 -16.02 31.23
N VAL A 292 17.39 -16.51 32.27
CA VAL A 292 17.99 -16.49 33.61
C VAL A 292 19.26 -17.31 33.63
N GLU A 293 19.34 -18.36 32.81
CA GLU A 293 20.54 -19.18 32.78
C GLU A 293 21.76 -18.42 32.31
N PHE A 294 21.60 -17.23 31.74
CA PHE A 294 22.72 -16.43 31.28
C PHE A 294 22.93 -15.19 32.15
N CYS A 295 22.17 -15.04 33.22
CA CYS A 295 22.24 -13.88 34.09
C CYS A 295 23.07 -14.18 35.33
N HIS A 296 23.92 -13.24 35.70
CA HIS A 296 24.69 -13.35 36.94
C HIS A 296 23.76 -13.62 38.11
N PRO A 297 24.14 -14.53 39.02
CA PRO A 297 23.25 -14.86 40.15
C PRO A 297 22.86 -13.65 40.99
N GLU A 298 23.77 -12.70 41.17
CA GLU A 298 23.46 -11.53 41.97
C GLU A 298 22.40 -10.65 41.31
N ASP A 299 22.20 -10.78 39.99
CA ASP A 299 21.23 -9.97 39.26
C ASP A 299 19.98 -10.77 38.88
N GLN A 300 19.96 -12.06 39.19
CA GLN A 300 18.89 -12.93 38.67
C GLN A 300 17.53 -12.53 39.21
N GLN A 301 17.46 -12.21 40.51
CA GLN A 301 16.18 -11.84 41.10
C GLN A 301 15.64 -10.55 40.46
N LEU A 302 16.53 -9.59 40.22
CA LEU A 302 16.12 -8.35 39.56
C LEU A 302 15.57 -8.63 38.17
N LEU A 303 16.26 -9.48 37.40
CA LEU A 303 15.77 -9.85 36.08
C LEU A 303 14.40 -10.53 36.17
N ARG A 304 14.23 -11.44 37.13
CA ARG A 304 12.95 -12.12 37.31
C ARG A 304 11.84 -11.12 37.60
N ASP A 305 12.08 -10.22 38.56
CA ASP A 305 11.10 -9.20 38.90
C ASP A 305 10.69 -8.41 37.68
N SER A 306 11.68 -7.95 36.91
CA SER A 306 11.37 -7.14 35.73
C SER A 306 10.54 -7.93 34.72
N PHE A 307 10.87 -9.21 34.51
CA PHE A 307 10.10 -10.00 33.56
C PHE A 307 8.66 -10.22 34.04
N GLN A 308 8.48 -10.50 35.32
CA GLN A 308 7.13 -10.65 35.86
C GLN A 308 6.35 -9.36 35.69
N GLN A 309 7.01 -8.22 35.89
CA GLN A 309 6.35 -6.93 35.71
C GLN A 309 5.93 -6.73 34.26
N VAL A 310 6.83 -7.02 33.31
CA VAL A 310 6.44 -6.82 31.91
C VAL A 310 5.30 -7.77 31.54
N VAL A 311 5.24 -8.95 32.15
CA VAL A 311 4.11 -9.85 31.89
C VAL A 311 2.82 -9.23 32.44
N LYS A 312 2.90 -8.53 33.57
CA LYS A 312 1.67 -7.92 34.08
C LYS A 312 1.31 -6.63 33.35
N LEU A 313 2.28 -5.99 32.70
CA LEU A 313 1.93 -4.93 31.77
C LEU A 313 1.58 -5.53 30.42
N LYS A 314 0.96 -4.72 29.56
CA LYS A 314 0.42 -5.22 28.29
C LYS A 314 0.95 -4.35 27.16
N GLY A 315 2.18 -4.63 26.73
CA GLY A 315 2.76 -4.00 25.57
C GLY A 315 3.70 -2.86 25.88
N GLN A 316 3.63 -2.28 27.08
CA GLN A 316 4.54 -1.20 27.42
C GLN A 316 5.90 -1.76 27.77
N VAL A 317 6.95 -1.07 27.31
CA VAL A 317 8.32 -1.53 27.45
C VAL A 317 8.82 -1.28 28.87
N LEU A 318 9.58 -2.23 29.40
CA LEU A 318 10.27 -2.06 30.67
C LEU A 318 11.72 -2.48 30.49
N SER A 319 12.63 -1.72 31.07
CA SER A 319 14.06 -1.95 30.91
C SER A 319 14.67 -2.53 32.18
N VAL A 320 15.73 -3.31 32.01
CA VAL A 320 16.51 -3.83 33.12
C VAL A 320 17.95 -4.01 32.64
N MET A 321 18.89 -3.87 33.57
CA MET A 321 20.31 -4.02 33.28
C MET A 321 20.90 -5.08 34.21
N PHE A 322 21.63 -6.03 33.62
CA PHE A 322 22.17 -7.15 34.37
C PHE A 322 23.43 -7.65 33.69
N ARG A 323 24.16 -8.51 34.40
CA ARG A 323 25.39 -9.08 33.88
C ARG A 323 25.08 -10.39 33.15
N PHE A 324 25.43 -10.41 31.89
CA PHE A 324 25.19 -11.53 30.99
C PHE A 324 26.50 -12.29 30.82
N ARG A 325 26.44 -13.62 30.82
CA ARG A 325 27.63 -14.49 30.68
C ARG A 325 27.91 -14.76 29.21
N SER A 326 29.05 -14.33 28.68
CA SER A 326 29.45 -14.55 27.26
C SER A 326 29.91 -15.98 27.06
N LYS A 327 29.96 -16.42 25.81
CA LYS A 327 30.33 -17.80 25.45
C LYS A 327 31.78 -17.93 25.84
N THR A 328 32.46 -16.83 25.64
CA THR A 328 33.85 -16.59 26.00
C THR A 328 33.88 -15.17 26.58
N ARG A 329 35.05 -14.59 26.72
CA ARG A 329 35.20 -13.17 27.12
C ARG A 329 34.35 -12.65 28.30
N GLU A 330 34.25 -13.36 29.42
CA GLU A 330 33.66 -12.83 30.69
C GLU A 330 32.22 -12.29 30.67
N TRP A 331 31.84 -11.63 31.76
CA TRP A 331 30.51 -11.03 32.04
C TRP A 331 30.36 -9.70 31.30
N LEU A 332 29.18 -9.38 30.78
CA LEU A 332 28.90 -8.14 30.03
C LEU A 332 27.68 -7.44 30.58
N TRP A 333 27.76 -6.15 30.80
CA TRP A 333 26.57 -5.41 31.20
C TRP A 333 25.61 -5.37 30.02
N MET A 334 24.35 -5.71 30.27
CA MET A 334 23.37 -5.91 29.21
C MET A 334 22.07 -5.24 29.62
N ARG A 335 21.53 -4.41 28.73
CA ARG A 335 20.22 -3.79 28.92
C ARG A 335 19.20 -4.55 28.08
N THR A 336 18.25 -5.18 28.75
CA THR A 336 17.14 -5.86 28.10
C THR A 336 15.89 -5.03 28.36
N SER A 337 15.25 -4.59 27.28
CA SER A 337 13.99 -3.87 27.35
C SER A 337 12.94 -4.72 26.66
N SER A 338 11.86 -5.02 27.37
CA SER A 338 10.93 -6.05 26.98
C SER A 338 9.50 -5.51 27.00
N PHE A 339 8.65 -6.19 26.25
CA PHE A 339 7.21 -5.92 26.27
C PHE A 339 6.50 -7.17 25.76
N THR A 340 5.28 -7.39 26.26
CA THR A 340 4.50 -8.54 25.83
C THR A 340 3.81 -8.25 24.51
N PHE A 341 3.84 -9.23 23.61
CA PHE A 341 3.08 -9.16 22.36
C PHE A 341 1.66 -9.65 22.62
N GLN A 342 0.69 -8.76 22.49
CA GLN A 342 -0.70 -9.08 22.70
C GLN A 342 -1.34 -9.49 21.38
N ASN A 343 -2.02 -10.62 21.36
CA ASN A 343 -2.76 -11.03 20.17
C ASN A 343 -3.76 -9.94 19.80
N PRO A 344 -3.66 -9.35 18.60
CA PRO A 344 -4.56 -8.23 18.26
C PRO A 344 -6.04 -8.54 18.41
N TYR A 345 -6.44 -9.82 18.41
CA TYR A 345 -7.84 -10.19 18.56
C TYR A 345 -8.15 -10.73 19.94
N SER A 346 -7.51 -11.83 20.35
CA SER A 346 -7.81 -12.48 21.62
C SER A 346 -7.13 -11.81 22.81
N ASP A 347 -6.18 -10.91 22.58
CA ASP A 347 -5.43 -10.22 23.63
C ASP A 347 -4.64 -11.18 24.52
N GLU A 348 -4.45 -12.42 24.09
CA GLU A 348 -3.58 -13.33 24.82
C GLU A 348 -2.11 -13.04 24.51
N ILE A 349 -1.24 -13.46 25.42
CA ILE A 349 0.19 -13.24 25.26
C ILE A 349 0.73 -14.23 24.24
N GLU A 350 1.20 -13.72 23.10
CA GLU A 350 1.87 -14.57 22.12
C GLU A 350 3.29 -14.89 22.58
N TYR A 351 4.01 -13.87 23.05
CA TYR A 351 5.37 -14.02 23.55
C TYR A 351 5.80 -12.67 24.12
N ILE A 352 6.98 -12.67 24.72
CA ILE A 352 7.66 -11.45 25.14
C ILE A 352 8.75 -11.16 24.12
N ILE A 353 8.85 -9.88 23.70
CA ILE A 353 9.88 -9.46 22.76
C ILE A 353 10.93 -8.67 23.53
N CYS A 354 12.20 -8.95 23.24
CA CYS A 354 13.32 -8.41 23.98
C CYS A 354 14.33 -7.80 23.03
N THR A 355 14.82 -6.62 23.37
CA THR A 355 15.97 -6.03 22.71
C THR A 355 17.11 -6.06 23.73
N ASN A 356 18.13 -6.88 23.47
CA ASN A 356 19.25 -7.08 24.38
C ASN A 356 20.45 -6.32 23.84
N THR A 357 20.83 -5.24 24.54
CA THR A 357 21.86 -4.32 24.10
C THR A 357 23.03 -4.34 25.07
N ASN A 358 24.22 -4.59 24.53
CA ASN A 358 25.44 -4.45 25.33
C ASN A 358 25.62 -2.99 25.71
N VAL A 359 25.62 -2.71 27.01
CA VAL A 359 25.80 -1.36 27.53
C VAL A 359 27.24 -0.90 27.35
N ASP B 17 -42.85 40.44 -13.78
CA ASP B 17 -42.57 39.75 -15.04
C ASP B 17 -41.13 39.97 -15.46
N ALA B 18 -40.51 41.04 -14.95
CA ALA B 18 -39.09 41.26 -15.21
C ALA B 18 -38.23 40.37 -14.32
N ALA B 19 -38.69 40.12 -13.09
CA ALA B 19 -37.98 39.21 -12.19
C ALA B 19 -37.92 37.80 -12.77
N ARG B 20 -39.07 37.29 -13.24
CA ARG B 20 -39.08 36.01 -13.93
C ARG B 20 -38.14 36.03 -15.12
N SER B 21 -38.35 36.95 -16.07
CA SER B 21 -37.46 37.08 -17.21
C SER B 21 -35.99 36.95 -16.83
N ARG B 22 -35.56 37.71 -15.82
CA ARG B 22 -34.15 37.62 -15.39
C ARG B 22 -33.82 36.22 -14.88
N ARG B 23 -34.72 35.59 -14.13
CA ARG B 23 -34.43 34.26 -13.58
C ARG B 23 -34.41 33.19 -14.68
N SER B 24 -35.33 33.30 -15.63
CA SER B 24 -35.33 32.42 -16.80
C SER B 24 -34.02 32.55 -17.58
N GLN B 25 -33.56 33.78 -17.80
CA GLN B 25 -32.27 33.96 -18.47
C GLN B 25 -31.12 33.44 -17.61
N GLU B 26 -31.25 33.51 -16.28
CA GLU B 26 -30.25 32.91 -15.39
C GLU B 26 -30.17 31.40 -15.60
N THR B 27 -31.33 30.74 -15.62
CA THR B 27 -31.36 29.30 -15.87
C THR B 27 -30.82 28.98 -17.26
N GLU B 28 -31.10 29.83 -18.25
CA GLU B 28 -30.62 29.60 -19.59
C GLU B 28 -29.10 29.68 -19.66
N VAL B 29 -28.51 30.72 -19.08
CA VAL B 29 -27.06 30.85 -19.12
C VAL B 29 -26.40 29.78 -18.26
N LEU B 30 -27.08 29.32 -17.20
CA LEU B 30 -26.54 28.24 -16.40
C LEU B 30 -26.54 26.92 -17.18
N TYR B 31 -27.59 26.67 -17.95
CA TYR B 31 -27.58 25.46 -18.79
C TYR B 31 -26.57 25.57 -19.91
N GLN B 32 -26.34 26.78 -20.44
CA GLN B 32 -25.27 26.97 -21.40
C GLN B 32 -23.91 26.67 -20.77
N LEU B 33 -23.70 27.13 -19.53
CA LEU B 33 -22.48 26.82 -18.79
C LEU B 33 -22.34 25.31 -18.59
N ALA B 34 -23.46 24.63 -18.33
CA ALA B 34 -23.44 23.18 -18.25
C ALA B 34 -23.01 22.57 -19.57
N HIS B 35 -23.42 23.19 -20.68
CA HIS B 35 -22.96 22.74 -22.00
C HIS B 35 -21.46 22.97 -22.20
N THR B 36 -20.86 23.90 -21.45
CA THR B 36 -19.42 24.12 -21.53
C THR B 36 -18.62 23.10 -20.73
N LEU B 37 -19.28 22.24 -19.95
CA LEU B 37 -18.57 21.29 -19.11
C LEU B 37 -17.89 20.22 -19.97
N PRO B 38 -16.73 19.72 -19.53
CA PRO B 38 -15.95 18.74 -20.31
C PRO B 38 -16.48 17.31 -20.16
N PHE B 39 -17.72 17.09 -20.61
CA PHE B 39 -18.33 15.77 -20.59
C PHE B 39 -19.01 15.52 -21.93
N ALA B 40 -19.41 14.27 -22.15
CA ALA B 40 -20.04 13.89 -23.41
C ALA B 40 -21.36 14.62 -23.59
N ARG B 41 -21.80 14.71 -24.85
CA ARG B 41 -23.04 15.39 -25.16
C ARG B 41 -24.24 14.61 -24.61
N GLY B 42 -25.16 15.34 -23.97
CA GLY B 42 -26.32 14.75 -23.34
C GLY B 42 -26.15 14.46 -21.86
N VAL B 43 -24.91 14.42 -21.37
CA VAL B 43 -24.68 14.17 -19.95
C VAL B 43 -25.21 15.35 -19.12
N SER B 44 -25.01 16.58 -19.60
CA SER B 44 -25.50 17.75 -18.88
C SER B 44 -27.00 17.72 -18.68
N ALA B 45 -27.74 16.95 -19.50
CA ALA B 45 -29.18 16.86 -19.35
C ALA B 45 -29.57 16.12 -18.07
N HIS B 46 -28.64 15.41 -17.44
CA HIS B 46 -28.92 14.69 -16.20
C HIS B 46 -28.40 15.42 -14.97
N LEU B 47 -27.92 16.65 -15.13
CA LEU B 47 -27.36 17.43 -14.03
C LEU B 47 -28.37 18.44 -13.52
N ASP B 48 -28.32 18.68 -12.20
CA ASP B 48 -29.05 19.78 -11.59
C ASP B 48 -28.15 21.01 -11.53
N LYS B 49 -28.76 22.14 -11.20
CA LYS B 49 -28.04 23.42 -11.20
C LYS B 49 -26.91 23.43 -10.18
N ALA B 50 -27.15 22.86 -9.00
CA ALA B 50 -26.10 22.78 -7.99
C ALA B 50 -24.93 21.95 -8.49
N SER B 51 -25.21 20.84 -9.17
CA SER B 51 -24.14 20.00 -9.70
C SER B 51 -23.38 20.72 -10.82
N ILE B 52 -24.11 21.45 -11.68
CA ILE B 52 -23.45 22.27 -12.69
C ILE B 52 -22.46 23.23 -12.05
N MET B 53 -22.92 23.97 -11.04
CA MET B 53 -22.06 24.93 -10.35
C MET B 53 -20.85 24.24 -9.73
N ARG B 54 -21.08 23.15 -8.99
CA ARG B 54 -20.00 22.44 -8.33
C ARG B 54 -18.97 21.94 -9.33
N LEU B 55 -19.42 21.36 -10.44
CA LEU B 55 -18.50 20.79 -11.42
C LEU B 55 -17.72 21.88 -12.15
N THR B 56 -18.37 23.00 -12.48
CA THR B 56 -17.65 24.09 -13.15
C THR B 56 -16.61 24.71 -12.21
N ILE B 57 -16.99 24.98 -10.96
CA ILE B 57 -16.04 25.54 -10.00
C ILE B 57 -14.86 24.61 -9.81
N SER B 58 -15.12 23.31 -9.64
CA SER B 58 -14.03 22.36 -9.44
C SER B 58 -13.18 22.22 -10.70
N TYR B 59 -13.78 22.35 -11.88
CA TYR B 59 -13.00 22.30 -13.12
C TYR B 59 -12.04 23.47 -13.18
N LEU B 60 -12.51 24.67 -12.84
CA LEU B 60 -11.62 25.83 -12.85
C LEU B 60 -10.53 25.71 -11.80
N ARG B 61 -10.86 25.17 -10.62
CA ARG B 61 -9.83 24.99 -9.59
C ARG B 61 -8.78 23.97 -10.02
N MET B 62 -9.21 22.85 -10.63
CA MET B 62 -8.25 21.87 -11.10
C MET B 62 -7.42 22.40 -12.25
N HIS B 63 -7.99 23.28 -13.09
CA HIS B 63 -7.17 23.88 -14.14
C HIS B 63 -6.13 24.82 -13.55
N ARG B 64 -6.51 25.57 -12.51
CA ARG B 64 -5.54 26.40 -11.81
C ARG B 64 -4.42 25.55 -11.21
N LEU B 65 -4.77 24.39 -10.65
CA LEU B 65 -3.75 23.53 -10.07
C LEU B 65 -2.84 22.93 -11.13
N CYS B 66 -3.41 22.46 -12.25
CA CYS B 66 -2.59 21.87 -13.30
C CYS B 66 -1.73 22.93 -14.00
N ALA B 67 -2.19 24.18 -14.03
CA ALA B 67 -1.40 25.25 -14.62
C ALA B 67 -0.17 25.58 -13.77
N ALA B 68 -0.21 25.31 -12.47
CA ALA B 68 0.94 25.51 -11.60
C ALA B 68 2.01 24.45 -11.79
N GLY B 69 1.75 23.40 -12.57
CA GLY B 69 2.75 22.38 -12.82
C GLY B 69 3.67 22.79 -13.94
N GLU B 70 4.98 22.63 -13.72
CA GLU B 70 5.99 23.08 -14.67
C GLU B 70 6.25 21.97 -15.69
N TRP B 71 5.47 21.98 -16.77
CA TRP B 71 5.68 21.05 -17.87
C TRP B 71 4.93 21.53 -19.12
N GLY B 78 1.63 17.09 -25.29
CA GLY B 78 0.69 16.06 -25.73
C GLY B 78 1.39 14.88 -26.37
N GLU B 79 1.16 13.69 -25.82
CA GLU B 79 1.78 12.45 -26.27
C GLU B 79 0.74 11.33 -26.25
N PRO B 80 0.74 10.46 -27.26
CA PRO B 80 -0.25 9.36 -27.26
C PRO B 80 -0.01 8.32 -26.17
N LEU B 81 1.20 8.23 -25.62
CA LEU B 81 1.46 7.28 -24.55
C LEU B 81 0.96 7.75 -23.19
N ASP B 82 0.45 8.99 -23.10
CA ASP B 82 -0.01 9.50 -21.80
C ASP B 82 -1.19 8.70 -21.28
N ALA B 83 -2.16 8.40 -22.16
CA ALA B 83 -3.34 7.65 -21.75
C ALA B 83 -2.99 6.29 -21.15
N CYS B 84 -1.77 5.81 -21.36
CA CYS B 84 -1.41 4.51 -20.80
C CYS B 84 -1.39 4.55 -19.28
N TYR B 85 -1.03 5.70 -18.70
CA TYR B 85 -0.74 5.77 -17.27
C TYR B 85 -1.94 5.34 -16.44
N LEU B 86 -3.07 6.03 -16.59
CA LEU B 86 -4.28 5.61 -15.85
C LEU B 86 -4.68 4.19 -16.23
N LYS B 87 -4.43 3.78 -17.47
CA LYS B 87 -4.75 2.42 -17.85
C LYS B 87 -3.88 1.42 -17.12
N ALA B 88 -2.62 1.77 -16.84
CA ALA B 88 -1.74 0.84 -16.15
C ALA B 88 -2.01 0.76 -14.65
N LEU B 89 -2.61 1.80 -14.07
CA LEU B 89 -2.96 1.77 -12.67
C LEU B 89 -4.11 0.80 -12.42
N GLU B 90 -4.14 0.24 -11.22
CA GLU B 90 -5.28 -0.56 -10.80
C GLU B 90 -6.29 0.23 -10.00
N GLY B 91 -5.84 1.16 -9.15
CA GLY B 91 -6.72 2.01 -8.41
C GLY B 91 -7.13 3.23 -9.21
N PHE B 92 -7.64 4.24 -8.50
CA PHE B 92 -8.06 5.48 -9.12
C PHE B 92 -7.29 6.66 -8.52
N VAL B 93 -7.35 7.77 -9.23
CA VAL B 93 -6.69 9.02 -8.85
C VAL B 93 -7.63 9.83 -7.99
N MET B 94 -7.11 10.35 -6.87
CA MET B 94 -7.90 11.29 -6.08
C MET B 94 -6.99 12.34 -5.49
N VAL B 95 -7.25 13.60 -5.77
CA VAL B 95 -6.55 14.71 -5.15
C VAL B 95 -7.53 15.46 -4.27
N LEU B 96 -7.17 15.61 -2.99
CA LEU B 96 -7.96 16.28 -1.97
C LEU B 96 -7.30 17.58 -1.55
N THR B 97 -8.13 18.58 -1.27
CA THR B 97 -7.65 19.87 -0.78
C THR B 97 -7.28 19.77 0.70
N ALA B 98 -6.81 20.89 1.26
CA ALA B 98 -6.43 20.91 2.66
C ALA B 98 -7.64 20.86 3.59
N GLU B 99 -8.83 21.19 3.08
CA GLU B 99 -10.05 21.12 3.87
C GLU B 99 -10.74 19.76 3.75
N GLY B 100 -10.24 18.87 2.91
CA GLY B 100 -10.83 17.57 2.72
C GLY B 100 -11.83 17.45 1.59
N ASP B 101 -11.96 18.49 0.76
CA ASP B 101 -12.88 18.41 -0.36
C ASP B 101 -12.23 17.66 -1.52
N MET B 102 -13.01 16.77 -2.13
CA MET B 102 -12.52 15.98 -3.26
C MET B 102 -12.27 16.88 -4.47
N ALA B 103 -11.03 17.35 -4.60
CA ALA B 103 -10.69 18.26 -5.70
C ALA B 103 -10.85 17.56 -7.04
N TYR B 104 -10.33 16.34 -7.16
CA TYR B 104 -10.50 15.62 -8.42
C TYR B 104 -10.45 14.12 -8.19
N LEU B 105 -11.22 13.41 -9.02
CA LEU B 105 -11.25 11.95 -9.10
C LEU B 105 -11.22 11.54 -10.56
N SER B 106 -10.46 10.50 -10.87
CA SER B 106 -10.45 9.95 -12.22
C SER B 106 -11.72 9.16 -12.49
N GLU B 107 -12.00 8.93 -13.78
CA GLU B 107 -13.24 8.29 -14.17
C GLU B 107 -13.39 6.88 -13.58
N ASN B 108 -12.31 6.11 -13.58
CA ASN B 108 -12.36 4.71 -13.16
C ASN B 108 -12.76 4.57 -11.70
N VAL B 109 -12.98 5.69 -11.00
CA VAL B 109 -13.54 5.62 -9.66
C VAL B 109 -14.88 4.90 -9.69
N SER B 110 -15.65 5.08 -10.78
CA SER B 110 -16.91 4.36 -10.91
C SER B 110 -16.70 2.86 -10.87
N LYS B 111 -15.55 2.39 -11.37
CA LYS B 111 -15.26 0.96 -11.37
C LYS B 111 -14.97 0.43 -9.98
N HIS B 112 -14.66 1.29 -9.03
CA HIS B 112 -14.30 0.85 -7.68
C HIS B 112 -15.33 1.20 -6.62
N LEU B 113 -16.04 2.32 -6.76
CA LEU B 113 -17.03 2.71 -5.78
C LEU B 113 -18.44 2.78 -6.36
N GLY B 114 -18.61 2.55 -7.66
CA GLY B 114 -19.91 2.76 -8.27
C GLY B 114 -20.24 4.22 -8.49
N LEU B 115 -20.11 5.04 -7.46
CA LEU B 115 -20.25 6.48 -7.61
C LEU B 115 -19.29 6.99 -8.66
N SER B 116 -19.78 7.86 -9.53
CA SER B 116 -18.99 8.37 -10.64
C SER B 116 -18.26 9.64 -10.23
N GLN B 117 -17.36 10.08 -11.11
CA GLN B 117 -16.68 11.36 -10.87
C GLN B 117 -17.67 12.53 -10.94
N LEU B 118 -18.74 12.37 -11.71
CA LEU B 118 -19.75 13.42 -11.79
C LEU B 118 -20.37 13.70 -10.43
N GLU B 119 -20.62 12.65 -9.65
CA GLU B 119 -21.29 12.77 -8.37
C GLU B 119 -20.35 13.03 -7.21
N LEU B 120 -19.04 12.90 -7.41
CA LEU B 120 -18.09 12.98 -6.31
C LEU B 120 -17.17 14.19 -6.39
N ILE B 121 -16.90 14.72 -7.58
CA ILE B 121 -16.00 15.86 -7.70
C ILE B 121 -16.66 17.11 -7.13
N GLY B 122 -15.98 17.77 -6.21
CA GLY B 122 -16.50 18.99 -5.60
C GLY B 122 -17.18 18.79 -4.26
N HIS B 123 -17.35 17.55 -3.81
CA HIS B 123 -17.92 17.26 -2.51
C HIS B 123 -16.81 16.94 -1.51
N SER B 124 -17.16 16.99 -0.22
CA SER B 124 -16.21 16.72 0.84
C SER B 124 -15.98 15.22 0.98
N ILE B 125 -14.72 14.84 1.20
CA ILE B 125 -14.41 13.42 1.36
C ILE B 125 -15.09 12.87 2.60
N PHE B 126 -15.25 13.69 3.64
CA PHE B 126 -15.76 13.21 4.92
C PHE B 126 -17.22 12.76 4.85
N ASP B 127 -17.96 13.17 3.82
CA ASP B 127 -19.31 12.67 3.60
C ASP B 127 -19.32 11.30 2.93
N PHE B 128 -18.15 10.73 2.63
CA PHE B 128 -18.05 9.42 2.01
C PHE B 128 -17.05 8.51 2.71
N ILE B 129 -16.50 8.94 3.86
CA ILE B 129 -15.52 8.18 4.62
C ILE B 129 -16.21 7.59 5.85
N HIS B 130 -15.76 6.40 6.24
CA HIS B 130 -16.23 5.83 7.49
C HIS B 130 -15.90 6.77 8.64
N PRO B 131 -16.82 6.94 9.61
CA PRO B 131 -16.55 7.89 10.71
C PRO B 131 -15.26 7.63 11.45
N CYS B 132 -14.97 6.37 11.80
CA CYS B 132 -13.79 6.01 12.56
C CYS B 132 -12.50 6.12 11.76
N ASP B 133 -12.56 6.50 10.47
CA ASP B 133 -11.37 6.74 9.67
C ASP B 133 -11.08 8.22 9.46
N GLN B 134 -12.00 9.11 9.88
CA GLN B 134 -11.82 10.53 9.65
C GLN B 134 -10.64 11.08 10.42
N GLU B 135 -10.38 10.57 11.62
CA GLU B 135 -9.21 11.00 12.39
C GLU B 135 -7.91 10.57 11.70
N GLU B 136 -7.86 9.32 11.22
CA GLU B 136 -6.68 8.86 10.49
C GLU B 136 -6.42 9.73 9.27
N LEU B 137 -7.48 10.02 8.51
CA LEU B 137 -7.30 10.86 7.33
C LEU B 137 -6.87 12.28 7.70
N GLN B 138 -7.41 12.81 8.81
CA GLN B 138 -7.00 14.14 9.24
C GLN B 138 -5.54 14.19 9.65
N ASP B 139 -5.04 13.11 10.26
CA ASP B 139 -3.62 13.06 10.56
C ASP B 139 -2.76 12.79 9.33
N ALA B 140 -3.37 12.26 8.25
CA ALA B 140 -2.62 12.10 7.01
C ALA B 140 -2.55 13.41 6.21
N LEU B 141 -3.58 14.26 6.30
CA LEU B 141 -3.57 15.50 5.53
C LEU B 141 -2.76 16.61 6.19
N THR B 142 -2.21 16.38 7.37
CA THR B 142 -1.29 17.37 7.94
C THR B 142 0.13 16.82 7.99
N LEU B 152 11.83 5.84 8.05
CA LEU B 152 11.15 4.71 7.40
C LEU B 152 10.08 5.22 6.44
N GLU B 153 9.77 6.51 6.55
CA GLU B 153 8.84 7.15 5.63
C GLU B 153 9.37 8.53 5.29
N ALA B 154 9.45 8.81 4.00
CA ALA B 154 9.79 10.14 3.55
C ALA B 154 8.76 11.15 4.07
N PRO B 155 9.18 12.38 4.37
CA PRO B 155 8.29 13.30 5.11
C PRO B 155 6.94 13.56 4.46
N THR B 156 6.86 13.53 3.13
CA THR B 156 5.61 13.87 2.47
C THR B 156 4.85 12.66 1.95
N GLU B 157 5.42 11.47 2.04
CA GLU B 157 4.75 10.31 1.48
C GLU B 157 3.73 9.77 2.46
N ARG B 158 2.63 9.25 1.92
CA ARG B 158 1.47 8.87 2.70
C ARG B 158 1.04 7.45 2.34
N HIS B 159 0.83 6.62 3.36
CA HIS B 159 0.24 5.29 3.20
C HIS B 159 -0.80 5.11 4.29
N PHE B 160 -2.05 4.85 3.89
CA PHE B 160 -3.11 4.63 4.87
C PHE B 160 -4.29 3.92 4.22
N SER B 161 -5.05 3.21 5.03
CA SER B 161 -6.25 2.53 4.58
C SER B 161 -7.48 3.35 4.94
N LEU B 162 -8.40 3.46 3.99
CA LEU B 162 -9.58 4.31 4.14
C LEU B 162 -10.81 3.57 3.67
N ARG B 163 -11.85 3.53 4.50
CA ARG B 163 -13.12 2.94 4.11
C ARG B 163 -13.96 4.00 3.41
N MET B 164 -14.21 3.81 2.11
CA MET B 164 -15.02 4.74 1.33
C MET B 164 -16.37 4.12 0.99
N LYS B 165 -17.37 4.98 0.82
CA LYS B 165 -18.69 4.53 0.42
C LYS B 165 -18.64 3.98 -1.00
N SER B 166 -19.19 2.78 -1.19
CA SER B 166 -19.27 2.16 -2.50
C SER B 166 -20.66 1.61 -2.69
N THR B 167 -21.19 1.77 -3.91
CA THR B 167 -22.52 1.28 -4.26
C THR B 167 -22.45 0.03 -5.13
N LEU B 168 -21.31 -0.65 -5.15
CA LEU B 168 -21.11 -1.79 -6.03
C LEU B 168 -21.39 -3.09 -5.32
N THR B 169 -21.97 -4.03 -6.05
CA THR B 169 -22.03 -5.44 -5.68
C THR B 169 -21.43 -6.24 -6.83
N SER B 170 -21.50 -7.57 -6.74
CA SER B 170 -20.99 -8.42 -7.80
C SER B 170 -21.81 -8.30 -9.07
N ARG B 171 -23.03 -7.74 -8.99
CA ARG B 171 -23.88 -7.53 -10.15
C ARG B 171 -23.75 -6.13 -10.73
N GLY B 172 -22.92 -5.26 -10.15
CA GLY B 172 -22.75 -3.91 -10.64
C GLY B 172 -23.17 -2.88 -9.60
N ARG B 173 -23.55 -1.71 -10.09
CA ARG B 173 -24.03 -0.64 -9.21
C ARG B 173 -25.49 -0.91 -8.89
N THR B 174 -25.72 -1.73 -7.86
CA THR B 174 -27.07 -2.13 -7.48
C THR B 174 -27.57 -1.48 -6.20
N LEU B 175 -26.71 -0.78 -5.46
CA LEU B 175 -27.08 -0.20 -4.18
C LEU B 175 -27.33 1.30 -4.35
N ASN B 176 -28.52 1.76 -3.93
CA ASN B 176 -28.69 3.19 -3.83
C ASN B 176 -27.85 3.72 -2.67
N LEU B 177 -27.52 5.02 -2.73
CA LEU B 177 -26.47 5.59 -1.88
C LEU B 177 -26.67 5.32 -0.38
N LYS B 178 -27.91 5.21 0.11
CA LYS B 178 -28.10 5.03 1.54
C LYS B 178 -27.79 3.62 2.06
N ALA B 179 -27.85 2.60 1.21
CA ALA B 179 -27.39 1.28 1.60
C ALA B 179 -25.98 1.00 1.11
N ALA B 180 -25.21 2.05 0.85
CA ALA B 180 -23.84 1.88 0.38
C ALA B 180 -23.01 1.16 1.42
N THR B 181 -22.09 0.32 0.95
CA THR B 181 -21.20 -0.42 1.83
C THR B 181 -19.85 0.27 1.92
N TRP B 182 -19.05 -0.20 2.85
CA TRP B 182 -17.70 0.34 3.08
C TRP B 182 -16.71 -0.52 2.31
N LYS B 183 -15.91 0.13 1.47
CA LYS B 183 -14.85 -0.53 0.72
C LYS B 183 -13.51 -0.02 1.22
N VAL B 184 -12.65 -0.95 1.62
CA VAL B 184 -11.31 -0.61 2.09
C VAL B 184 -10.43 -0.26 0.90
N LEU B 185 -9.82 0.91 0.94
CA LEU B 185 -8.92 1.38 -0.10
C LEU B 185 -7.55 1.60 0.51
N HIS B 186 -6.53 0.94 -0.04
CA HIS B 186 -5.15 1.24 0.29
C HIS B 186 -4.76 2.50 -0.49
N CYS B 187 -4.59 3.61 0.22
CA CYS B 187 -4.25 4.88 -0.39
C CYS B 187 -2.78 5.17 -0.18
N SER B 188 -2.10 5.54 -1.27
CA SER B 188 -0.70 5.90 -1.21
C SER B 188 -0.48 7.12 -2.08
N GLY B 189 0.32 8.06 -1.60
CA GLY B 189 0.53 9.27 -2.36
C GLY B 189 1.46 10.28 -1.72
N HIS B 190 1.29 11.55 -2.10
CA HIS B 190 2.20 12.58 -1.61
C HIS B 190 1.44 13.86 -1.27
N MET B 191 1.86 14.48 -0.16
CA MET B 191 1.56 15.87 0.13
C MET B 191 2.39 16.74 -0.80
N ARG B 192 1.71 17.58 -1.59
CA ARG B 192 2.40 18.45 -2.54
C ARG B 192 1.86 19.86 -2.41
N ALA B 193 2.66 20.83 -2.85
CA ALA B 193 2.30 22.24 -2.78
C ALA B 193 2.55 22.96 -4.10
N LEU B 212 -1.33 26.75 -2.53
CA LEU B 212 -2.15 25.83 -1.76
C LEU B 212 -1.52 24.44 -1.70
N GLN B 213 -1.92 23.66 -0.70
CA GLN B 213 -1.41 22.32 -0.50
C GLN B 213 -2.48 21.28 -0.82
N CYS B 214 -2.08 20.25 -1.56
CA CYS B 214 -2.94 19.16 -1.99
C CYS B 214 -2.37 17.84 -1.48
N LEU B 215 -3.25 16.86 -1.32
CA LEU B 215 -2.85 15.47 -1.09
C LEU B 215 -3.25 14.67 -2.32
N VAL B 216 -2.27 14.15 -3.05
CA VAL B 216 -2.52 13.43 -4.30
C VAL B 216 -2.30 11.95 -4.02
N LEU B 217 -3.34 11.14 -4.25
CA LEU B 217 -3.32 9.74 -3.90
C LEU B 217 -3.70 8.88 -5.10
N ILE B 218 -3.09 7.71 -5.14
CA ILE B 218 -3.62 6.56 -5.86
C ILE B 218 -4.26 5.65 -4.82
N CYS B 219 -5.53 5.31 -5.04
CA CYS B 219 -6.29 4.51 -4.10
C CYS B 219 -6.63 3.19 -4.76
N GLU B 220 -6.22 2.09 -4.15
CA GLU B 220 -6.36 0.76 -4.72
C GLU B 220 -7.26 -0.12 -3.86
N ALA B 221 -8.01 -1.00 -4.52
CA ALA B 221 -8.88 -1.92 -3.81
C ALA B 221 -8.12 -3.20 -3.47
N ILE B 222 -8.46 -3.78 -2.32
CA ILE B 222 -7.94 -5.07 -1.90
C ILE B 222 -8.88 -6.15 -2.45
N PRO B 223 -8.44 -6.95 -3.42
CA PRO B 223 -9.36 -7.93 -4.02
C PRO B 223 -9.78 -9.00 -3.02
N HIS B 224 -11.02 -9.45 -3.17
CA HIS B 224 -11.56 -10.49 -2.30
CA HIS B 224 -11.57 -10.49 -2.30
C HIS B 224 -11.21 -11.86 -2.86
N PRO B 225 -10.59 -12.73 -2.06
CA PRO B 225 -10.19 -14.08 -2.50
C PRO B 225 -11.39 -14.97 -2.81
N LEU B 228 -9.23 -22.13 -4.30
CA LEU B 228 -9.32 -21.85 -5.75
C LEU B 228 -9.22 -23.16 -6.52
N GLU B 229 -8.75 -23.13 -7.76
CA GLU B 229 -8.69 -24.38 -8.54
C GLU B 229 -7.34 -24.46 -9.22
N PRO B 230 -6.68 -25.63 -9.25
CA PRO B 230 -5.41 -25.79 -9.96
C PRO B 230 -5.68 -25.73 -11.46
N PRO B 231 -4.74 -25.21 -12.29
CA PRO B 231 -3.34 -24.98 -11.88
C PRO B 231 -3.00 -23.59 -11.34
N LEU B 232 -2.21 -23.55 -10.28
CA LEU B 232 -1.93 -22.25 -9.63
C LEU B 232 -0.66 -21.64 -10.18
N GLY B 233 -0.45 -20.37 -9.84
CA GLY B 233 0.70 -19.58 -10.31
C GLY B 233 1.89 -19.67 -9.39
N ARG B 234 2.93 -18.94 -9.72
CA ARG B 234 4.16 -18.91 -8.92
C ARG B 234 4.17 -17.61 -8.10
N GLY B 235 5.00 -17.56 -7.07
CA GLY B 235 5.16 -16.33 -6.31
C GLY B 235 4.05 -15.97 -5.35
N ALA B 236 3.27 -16.96 -4.91
CA ALA B 236 2.16 -16.69 -4.03
C ALA B 236 1.68 -18.00 -3.43
N PHE B 237 1.06 -17.89 -2.26
CA PHE B 237 0.30 -18.99 -1.69
C PHE B 237 -0.83 -18.42 -0.85
N LEU B 238 -1.79 -19.28 -0.50
CA LEU B 238 -3.00 -18.86 0.19
C LEU B 238 -3.11 -19.59 1.53
N SER B 239 -3.59 -18.87 2.54
CA SER B 239 -3.79 -19.44 3.87
C SER B 239 -5.12 -18.94 4.43
N ARG B 240 -5.67 -19.73 5.36
CA ARG B 240 -6.89 -19.39 6.08
C ARG B 240 -6.59 -19.51 7.56
N HIS B 241 -7.03 -18.52 8.33
CA HIS B 241 -6.79 -18.46 9.77
C HIS B 241 -8.08 -18.13 10.49
N SER B 242 -8.13 -18.50 11.77
CA SER B 242 -9.13 -17.93 12.64
C SER B 242 -8.74 -16.49 12.97
N LEU B 243 -9.63 -15.80 13.68
CA LEU B 243 -9.39 -14.39 14.00
C LEU B 243 -8.17 -14.19 14.90
N ASP B 244 -7.78 -15.20 15.67
CA ASP B 244 -6.52 -15.15 16.41
C ASP B 244 -5.31 -15.45 15.53
N MET B 245 -5.52 -15.58 14.21
CA MET B 245 -4.48 -15.81 13.21
C MET B 245 -3.84 -17.19 13.32
N LYS B 246 -4.46 -18.13 14.04
CA LYS B 246 -4.03 -19.51 14.01
C LYS B 246 -4.36 -20.13 12.66
N PHE B 247 -3.40 -20.85 12.07
CA PHE B 247 -3.61 -21.48 10.77
C PHE B 247 -4.76 -22.47 10.82
N THR B 248 -5.73 -22.30 9.93
CA THR B 248 -6.77 -23.30 9.70
C THR B 248 -6.67 -23.95 8.33
N TYR B 249 -5.91 -23.37 7.41
CA TYR B 249 -5.63 -23.97 6.11
C TYR B 249 -4.44 -23.26 5.51
N CYS B 250 -3.69 -23.96 4.66
CA CYS B 250 -2.59 -23.31 3.96
C CYS B 250 -2.35 -24.01 2.62
N ASP B 251 -2.07 -23.21 1.61
CA ASP B 251 -1.76 -23.70 0.28
C ASP B 251 -0.63 -24.73 0.32
N GLU B 252 -0.70 -25.71 -0.59
CA GLU B 252 0.35 -26.72 -0.66
C GLU B 252 1.66 -26.14 -1.18
N ARG B 253 1.60 -25.06 -1.95
CA ARG B 253 2.81 -24.43 -2.48
C ARG B 253 3.76 -24.00 -1.38
N ILE B 254 3.27 -23.88 -0.14
CA ILE B 254 4.14 -23.55 0.99
C ILE B 254 5.33 -24.51 1.05
N ALA B 255 5.11 -25.78 0.66
CA ALA B 255 6.21 -26.74 0.70
C ALA B 255 7.34 -26.31 -0.22
N GLU B 256 7.02 -25.81 -1.42
CA GLU B 256 8.05 -25.30 -2.31
C GLU B 256 8.60 -23.97 -1.80
N VAL B 257 7.80 -23.21 -1.08
CA VAL B 257 8.18 -21.85 -0.70
C VAL B 257 9.04 -21.85 0.55
N ALA B 258 8.61 -22.55 1.58
CA ALA B 258 9.27 -22.49 2.88
C ALA B 258 9.56 -23.88 3.46
N GLY B 259 9.14 -24.95 2.79
CA GLY B 259 9.44 -26.28 3.26
C GLY B 259 8.47 -26.84 4.27
N TYR B 260 7.34 -26.17 4.50
CA TYR B 260 6.35 -26.63 5.47
C TYR B 260 5.34 -27.54 4.79
N SER B 261 4.96 -28.59 5.49
CA SER B 261 3.77 -29.31 5.06
C SER B 261 2.54 -28.64 5.66
N PRO B 262 1.53 -28.33 4.86
CA PRO B 262 0.39 -27.57 5.38
C PRO B 262 -0.25 -28.18 6.61
N ASP B 263 -0.18 -29.50 6.77
CA ASP B 263 -0.82 -30.14 7.93
C ASP B 263 -0.12 -29.76 9.22
N ASP B 264 1.20 -29.57 9.19
CA ASP B 264 1.94 -29.23 10.41
C ASP B 264 1.66 -27.81 10.88
N LEU B 265 1.28 -26.93 9.95
CA LEU B 265 0.97 -25.55 10.31
C LEU B 265 -0.39 -25.41 10.97
N ILE B 266 -1.29 -26.37 10.76
CA ILE B 266 -2.66 -26.27 11.27
C ILE B 266 -2.64 -26.20 12.78
N GLY B 267 -3.24 -25.15 13.33
CA GLY B 267 -3.30 -24.94 14.76
C GLY B 267 -2.25 -24.00 15.31
N CYS B 268 -1.20 -23.70 14.55
CA CYS B 268 -0.11 -22.87 15.06
C CYS B 268 -0.38 -21.39 14.80
N SER B 269 0.16 -20.57 15.70
CA SER B 269 -0.03 -19.12 15.57
C SER B 269 0.87 -18.56 14.48
N ALA B 270 0.29 -17.74 13.60
CA ALA B 270 1.05 -17.15 12.51
C ALA B 270 2.12 -16.20 13.01
N TYR B 271 1.90 -15.55 14.16
CA TYR B 271 2.89 -14.63 14.68
C TYR B 271 4.20 -15.32 15.01
N GLU B 272 4.18 -16.63 15.24
CA GLU B 272 5.40 -17.38 15.51
C GLU B 272 6.26 -17.54 14.26
N TYR B 273 5.72 -17.28 13.08
CA TYR B 273 6.45 -17.52 11.83
C TYR B 273 6.98 -16.24 11.20
N ILE B 274 6.84 -15.10 11.86
CA ILE B 274 7.35 -13.84 11.34
C ILE B 274 8.64 -13.50 12.09
N HIS B 275 9.54 -12.82 11.38
CA HIS B 275 10.74 -12.30 12.01
C HIS B 275 10.38 -11.27 13.07
N ALA B 276 11.06 -11.32 14.21
CA ALA B 276 10.75 -10.41 15.32
C ALA B 276 10.90 -8.96 14.91
N LEU B 277 11.83 -8.70 14.00
CA LEU B 277 12.04 -7.33 13.48
C LEU B 277 10.78 -6.84 12.77
N ASP B 278 9.91 -7.72 12.30
CA ASP B 278 8.70 -7.30 11.57
C ASP B 278 7.46 -7.33 12.48
N SER B 279 7.68 -7.61 13.76
CA SER B 279 6.68 -7.71 14.85
C SER B 279 5.64 -6.61 14.78
N ASP B 280 6.06 -5.43 15.09
CA ASP B 280 5.18 -4.27 15.16
C ASP B 280 4.33 -4.12 13.90
N ALA B 281 4.99 -4.06 12.76
CA ALA B 281 4.31 -3.84 11.48
C ALA B 281 3.21 -4.89 11.27
N VAL B 282 3.54 -6.16 11.46
CA VAL B 282 2.50 -7.18 11.21
C VAL B 282 1.34 -6.96 12.19
N SER B 283 1.67 -6.64 13.42
CA SER B 283 0.65 -6.36 14.44
C SER B 283 -0.30 -5.28 13.95
N ARG B 284 0.27 -4.14 13.52
CA ARG B 284 -0.57 -3.04 13.07
C ARG B 284 -1.46 -3.50 11.92
N SER B 285 -0.89 -4.23 10.97
CA SER B 285 -1.68 -4.72 9.85
C SER B 285 -2.87 -5.51 10.36
N ILE B 286 -2.63 -6.45 11.29
CA ILE B 286 -3.73 -7.28 11.76
C ILE B 286 -4.77 -6.41 12.46
N HIS B 287 -4.32 -5.40 13.20
CA HIS B 287 -5.27 -4.49 13.83
C HIS B 287 -6.15 -3.84 12.77
N THR B 288 -5.54 -3.34 11.71
CA THR B 288 -6.33 -2.81 10.59
C THR B 288 -7.27 -3.88 10.07
N LEU B 289 -6.73 -5.08 9.83
CA LEU B 289 -7.56 -6.17 9.32
C LEU B 289 -8.74 -6.44 10.24
N LEU B 290 -8.56 -6.26 11.55
CA LEU B 290 -9.63 -6.55 12.49
C LEU B 290 -10.64 -5.41 12.60
N SER B 291 -10.23 -4.17 12.30
CA SER B 291 -11.13 -3.05 12.45
C SER B 291 -11.80 -2.63 11.14
N LYS B 292 -11.15 -2.84 9.99
CA LYS B 292 -11.68 -2.41 8.71
C LYS B 292 -12.18 -3.55 7.84
N GLY B 293 -11.73 -4.79 8.08
CA GLY B 293 -12.16 -5.94 7.32
C GLY B 293 -11.17 -6.43 6.29
N GLN B 294 -10.25 -5.59 5.84
CA GLN B 294 -9.21 -5.96 4.90
C GLN B 294 -7.95 -5.18 5.22
N ALA B 295 -6.80 -5.74 4.86
CA ALA B 295 -5.54 -5.06 5.12
C ALA B 295 -4.47 -5.57 4.16
N VAL B 296 -3.45 -4.75 3.98
CA VAL B 296 -2.26 -5.09 3.19
C VAL B 296 -1.03 -4.85 4.06
N THR B 297 -0.23 -5.88 4.28
CA THR B 297 0.97 -5.72 5.09
C THR B 297 2.09 -5.11 4.25
N GLY B 298 3.11 -4.62 4.95
CA GLY B 298 4.36 -4.28 4.31
C GLY B 298 5.16 -5.52 3.99
N GLN B 299 6.41 -5.30 3.58
CA GLN B 299 7.33 -6.41 3.35
C GLN B 299 7.83 -6.93 4.69
N TYR B 300 7.78 -8.26 4.87
CA TYR B 300 8.21 -8.85 6.13
C TYR B 300 8.83 -10.21 5.85
N ARG B 301 9.54 -10.73 6.85
CA ARG B 301 10.29 -11.97 6.72
C ARG B 301 9.48 -13.12 7.33
N PHE B 302 9.24 -14.15 6.52
CA PHE B 302 8.55 -15.36 6.94
C PHE B 302 9.58 -16.46 7.13
N LEU B 303 9.56 -17.10 8.32
CA LEU B 303 10.58 -18.08 8.67
C LEU B 303 10.32 -19.41 7.97
N ALA B 304 11.34 -19.93 7.29
CA ALA B 304 11.24 -21.24 6.68
C ALA B 304 11.43 -22.33 7.73
N ARG B 305 11.08 -23.57 7.34
CA ARG B 305 10.99 -24.68 8.31
C ARG B 305 12.33 -24.96 8.98
N THR B 306 13.37 -25.24 8.19
CA THR B 306 14.66 -25.65 8.73
C THR B 306 15.60 -24.49 9.00
N GLY B 307 15.20 -23.26 8.72
CA GLY B 307 16.06 -22.12 8.95
C GLY B 307 15.84 -21.04 7.91
N GLY B 308 16.37 -19.86 8.21
CA GLY B 308 16.29 -18.74 7.31
C GLY B 308 14.87 -18.18 7.20
N TYR B 309 14.71 -17.31 6.20
CA TYR B 309 13.45 -16.61 5.99
C TYR B 309 13.36 -16.19 4.53
N LEU B 310 12.15 -15.78 4.13
CA LEU B 310 11.89 -15.27 2.80
C LEU B 310 11.01 -14.03 2.92
N TRP B 311 11.21 -13.08 2.01
CA TRP B 311 10.47 -11.83 2.03
C TRP B 311 9.09 -12.03 1.40
N THR B 312 8.08 -11.41 2.01
CA THR B 312 6.68 -11.67 1.74
C THR B 312 5.90 -10.37 1.89
N GLN B 313 4.77 -10.30 1.19
CA GLN B 313 3.77 -9.25 1.39
C GLN B 313 2.41 -9.88 1.19
N THR B 314 1.51 -9.71 2.15
CA THR B 314 0.25 -10.43 2.09
C THR B 314 -0.94 -9.47 2.14
N GLN B 315 -2.03 -9.91 1.52
CA GLN B 315 -3.32 -9.24 1.59
C GLN B 315 -4.25 -10.12 2.41
N ALA B 316 -4.90 -9.53 3.40
CA ALA B 316 -5.76 -10.28 4.30
C ALA B 316 -7.18 -9.73 4.22
N THR B 317 -8.16 -10.63 4.26
CA THR B 317 -9.56 -10.27 4.16
C THR B 317 -10.36 -11.07 5.18
N VAL B 318 -11.20 -10.37 5.95
CA VAL B 318 -12.10 -11.04 6.88
C VAL B 318 -13.31 -11.54 6.10
N VAL B 319 -13.70 -12.79 6.35
CA VAL B 319 -14.80 -13.43 5.65
C VAL B 319 -15.74 -14.06 6.68
N SER B 320 -16.96 -14.35 6.23
CA SER B 320 -17.98 -14.95 7.09
C SER B 320 -18.13 -16.44 6.81
N SER B 327 -17.87 -17.58 13.65
CA SER B 327 -18.63 -17.17 12.44
C SER B 327 -17.72 -16.52 11.38
N GLU B 328 -16.73 -15.75 11.82
CA GLU B 328 -15.82 -15.06 10.87
C GLU B 328 -14.47 -15.77 10.81
N SER B 329 -13.72 -15.49 9.75
CA SER B 329 -12.37 -16.06 9.54
C SER B 329 -11.53 -15.14 8.66
N ILE B 330 -10.26 -15.44 8.44
CA ILE B 330 -9.38 -14.56 7.67
C ILE B 330 -8.77 -15.38 6.54
N ILE B 331 -8.73 -14.79 5.36
CA ILE B 331 -8.03 -15.39 4.21
C ILE B 331 -6.88 -14.48 3.83
N CYS B 332 -5.70 -15.08 3.68
CA CYS B 332 -4.47 -14.37 3.39
C CYS B 332 -3.93 -14.85 2.05
N VAL B 333 -3.56 -13.92 1.19
CA VAL B 333 -2.88 -14.20 -0.06
C VAL B 333 -1.49 -13.61 0.07
N HIS B 334 -0.47 -14.46 0.13
CA HIS B 334 0.90 -14.04 0.33
C HIS B 334 1.63 -14.05 -1.00
N PHE B 335 2.15 -12.90 -1.40
CA PHE B 335 3.00 -12.75 -2.58
C PHE B 335 4.45 -12.71 -2.13
N LEU B 336 5.26 -13.61 -2.69
CA LEU B 336 6.65 -13.74 -2.29
C LEU B 336 7.52 -12.75 -3.04
N ILE B 337 8.50 -12.20 -2.33
CA ILE B 337 9.39 -11.18 -2.88
C ILE B 337 10.77 -11.80 -3.07
N SER B 338 11.11 -12.76 -2.22
CA SER B 338 12.43 -13.38 -2.24
C SER B 338 12.29 -14.88 -2.16
N ARG B 339 13.37 -15.58 -2.50
CA ARG B 339 13.51 -16.97 -2.12
C ARG B 339 14.07 -17.04 -0.70
N VAL B 340 14.18 -18.25 -0.16
CA VAL B 340 14.64 -18.38 1.21
C VAL B 340 16.06 -17.86 1.31
N GLU B 341 16.28 -16.94 2.25
CA GLU B 341 17.59 -16.37 2.52
C GLU B 341 18.10 -16.86 3.87
N GLU B 342 19.43 -16.85 4.01
CA GLU B 342 20.10 -17.34 5.22
C GLU B 342 19.68 -18.77 5.54
N THR B 343 19.69 -19.62 4.51
CA THR B 343 19.13 -20.96 4.63
C THR B 343 19.81 -21.78 5.72
N GLY B 344 21.08 -21.52 6.00
CA GLY B 344 21.77 -22.24 7.05
C GLY B 344 21.72 -21.60 8.41
N VAL B 345 20.87 -20.59 8.61
CA VAL B 345 20.78 -19.85 9.86
C VAL B 345 19.50 -20.26 10.57
N VAL B 346 19.63 -20.73 11.80
CA VAL B 346 18.49 -21.07 12.62
C VAL B 346 18.14 -19.86 13.48
N LEU B 347 16.86 -19.51 13.52
CA LEU B 347 16.41 -18.34 14.28
C LEU B 347 15.39 -18.67 15.34
N SER B 348 14.47 -19.58 15.06
CA SER B 348 13.42 -19.97 15.99
C SER B 348 13.72 -21.32 16.61
N LEU B 349 13.03 -21.61 17.71
CA LEU B 349 13.21 -22.89 18.39
C LEU B 349 12.69 -24.05 17.54
N GLU B 350 11.56 -23.84 16.85
CA GLU B 350 11.06 -24.87 15.94
C GLU B 350 12.03 -25.10 14.79
N GLN B 351 12.74 -24.05 14.36
CA GLN B 351 13.68 -24.20 13.27
C GLN B 351 14.84 -25.11 13.66
N THR B 352 15.38 -24.95 14.87
CA THR B 352 16.43 -25.88 15.29
C THR B 352 15.88 -27.23 15.66
N GLU B 353 14.60 -27.32 16.06
CA GLU B 353 14.02 -28.64 16.29
C GLU B 353 13.82 -29.40 14.98
N GLN B 354 13.65 -28.68 13.87
CA GLN B 354 13.51 -29.30 12.55
C GLN B 354 14.85 -29.48 11.84
N HIS B 355 15.84 -28.64 12.14
CA HIS B 355 17.17 -28.79 11.56
C HIS B 355 17.85 -30.06 12.04
N THR B 356 17.39 -30.65 13.14
CA THR B 356 17.98 -31.88 13.64
C THR B 356 17.19 -33.13 13.26
#